data_5KJO
#
_entry.id   5KJO
#
_cell.length_a   45.624
_cell.length_b   58.588
_cell.length_c   63.675
_cell.angle_alpha   90.00
_cell.angle_beta   90.00
_cell.angle_gamma   90.00
#
_symmetry.space_group_name_H-M   'P 21 21 21'
#
loop_
_entity.id
_entity.type
_entity.pdbx_description
1 polymer 'Endoglucanase V-like protein'
2 non-polymer 1,2-ETHANEDIOL
3 water water
#
_entity_poly.entity_id   1
_entity_poly.type   'polypeptide(L)'
_entity_poly.pdbx_seq_one_letter_code
;ATGGYVQQATGQASFTMYSGCGSPACGKAASGFTAAINQLAFGSAPGLGAGDACGRCFALTGNHDPYSPNYTGPFGQTIV
VKVTDLCPVQGNQEFCGQTTSNPTNQHGMPFHFDICEDTGGSAKFFPSGHGALTGTFTEVSCSQWSGSDGGQLWNGACLS
GETAPNWPSTACGNKGTAPS
;
_entity_poly.pdbx_strand_id   A
#
loop_
_chem_comp.id
_chem_comp.type
_chem_comp.name
_chem_comp.formula
EDO non-polymer 1,2-ETHANEDIOL 'C2 H6 O2'
#
# COMPACT_ATOMS: atom_id res chain seq x y z
N ALA A 1 9.15 6.14 11.99
CA ALA A 1 9.86 4.91 12.26
C ALA A 1 11.33 5.06 11.92
N THR A 2 12.12 4.05 12.26
CA THR A 2 13.54 4.04 11.91
C THR A 2 13.70 4.31 10.43
N GLY A 3 14.67 5.16 10.10
CA GLY A 3 14.87 5.61 8.74
C GLY A 3 14.08 6.85 8.38
N GLY A 4 13.25 7.36 9.28
CA GLY A 4 12.43 8.52 9.00
C GLY A 4 11.17 8.23 8.21
N TYR A 5 10.89 6.96 7.94
CA TYR A 5 9.68 6.59 7.22
C TYR A 5 8.45 6.92 8.06
N VAL A 6 7.36 7.28 7.38
CA VAL A 6 6.12 7.64 8.03
C VAL A 6 5.19 6.44 7.91
N GLN A 7 5.03 5.73 9.03
CA GLN A 7 4.34 4.44 9.08
C GLN A 7 3.33 4.50 10.20
N GLN A 8 2.08 4.78 9.84
CA GLN A 8 1.01 4.91 10.81
C GLN A 8 -0.06 3.87 10.53
N ALA A 9 -0.65 3.33 11.60
CA ALA A 9 -1.62 2.25 11.45
C ALA A 9 -2.96 2.73 10.91
N THR A 10 -3.25 4.03 10.96
CA THR A 10 -4.49 4.52 10.38
C THR A 10 -4.26 5.93 9.83
N GLY A 11 -5.09 6.32 8.88
CA GLY A 11 -4.99 7.65 8.33
C GLY A 11 -5.77 7.79 7.04
N GLN A 12 -5.45 8.85 6.30
CA GLN A 12 -6.09 9.13 5.02
C GLN A 12 -5.15 8.76 3.89
N ALA A 13 -5.72 8.26 2.80
CA ALA A 13 -4.90 7.83 1.67
C ALA A 13 -5.65 8.09 0.37
N SER A 14 -4.87 8.20 -0.70
CA SER A 14 -5.41 8.06 -2.05
C SER A 14 -5.25 6.63 -2.53
N PHE A 15 -5.95 6.30 -3.61
CA PHE A 15 -6.05 4.93 -4.12
C PHE A 15 -6.06 4.92 -5.65
N THR A 16 -5.25 4.04 -6.24
CA THR A 16 -5.31 3.73 -7.66
C THR A 16 -5.24 2.21 -7.82
N MET A 17 -5.21 1.74 -9.06
CA MET A 17 -5.06 0.33 -9.36
CA MET A 17 -5.05 0.32 -9.36
C MET A 17 -3.92 0.14 -10.35
N TYR A 18 -3.29 -1.04 -10.30
CA TYR A 18 -2.20 -1.36 -11.22
C TYR A 18 -2.23 -2.83 -11.61
N SER A 19 -1.51 -3.14 -12.68
CA SER A 19 -1.44 -4.49 -13.23
C SER A 19 -0.04 -5.05 -13.05
N GLY A 20 0.03 -6.35 -12.79
CA GLY A 20 1.29 -7.07 -12.78
C GLY A 20 1.99 -7.01 -11.44
N CYS A 21 1.44 -7.68 -10.43
CA CYS A 21 2.04 -7.67 -9.10
C CYS A 21 2.69 -9.00 -8.74
N GLY A 22 3.05 -9.81 -9.73
CA GLY A 22 3.60 -11.12 -9.45
C GLY A 22 5.07 -11.16 -9.07
N SER A 23 5.82 -10.08 -9.27
CA SER A 23 7.21 -9.98 -8.82
C SER A 23 7.40 -8.67 -8.06
N PRO A 24 6.82 -8.56 -6.87
CA PRO A 24 6.77 -7.27 -6.17
C PRO A 24 7.99 -7.04 -5.26
N ALA A 25 8.06 -5.82 -4.73
CA ALA A 25 9.27 -5.37 -4.04
C ALA A 25 9.51 -6.07 -2.71
N CYS A 26 8.49 -6.66 -2.08
CA CYS A 26 8.74 -7.42 -0.88
C CYS A 26 9.39 -8.77 -1.17
N GLY A 27 9.35 -9.23 -2.42
CA GLY A 27 9.97 -10.47 -2.81
C GLY A 27 9.10 -11.69 -2.72
N LYS A 28 7.85 -11.55 -2.28
CA LYS A 28 6.86 -12.62 -2.33
C LYS A 28 5.55 -11.99 -2.77
N ALA A 29 4.89 -12.64 -3.73
CA ALA A 29 3.53 -12.27 -4.11
C ALA A 29 2.55 -12.94 -3.15
N ALA A 30 1.25 -12.79 -3.41
CA ALA A 30 0.24 -13.45 -2.59
C ALA A 30 -1.02 -13.62 -3.41
N SER A 31 -1.83 -14.62 -3.06
CA SER A 31 -3.00 -14.94 -3.86
C SER A 31 -4.22 -14.10 -3.50
N GLY A 32 -4.24 -13.48 -2.33
CA GLY A 32 -5.33 -12.61 -1.93
C GLY A 32 -5.18 -11.22 -2.54
N PHE A 33 -6.04 -10.31 -2.09
CA PHE A 33 -5.96 -8.92 -2.52
C PHE A 33 -4.66 -8.30 -1.99
N THR A 34 -3.93 -7.62 -2.87
CA THR A 34 -2.64 -7.04 -2.49
C THR A 34 -2.55 -5.61 -2.97
N ALA A 35 -1.62 -4.87 -2.37
CA ALA A 35 -1.37 -3.50 -2.79
C ALA A 35 0.11 -3.15 -2.68
N ALA A 36 0.48 -2.13 -3.43
CA ALA A 36 1.70 -1.39 -3.21
C ALA A 36 1.38 -0.17 -2.36
N ILE A 37 2.33 0.23 -1.52
CA ILE A 37 2.17 1.43 -0.70
C ILE A 37 3.29 2.40 -1.05
N ASN A 38 3.01 3.69 -0.88
CA ASN A 38 3.98 4.72 -1.24
C ASN A 38 5.28 4.55 -0.46
N GLN A 39 6.38 4.95 -1.10
CA GLN A 39 7.73 4.72 -0.58
C GLN A 39 7.91 5.21 0.85
N LEU A 40 7.39 6.39 1.18
CA LEU A 40 7.60 6.93 2.52
C LEU A 40 7.00 6.04 3.60
N ALA A 41 5.97 5.26 3.26
CA ALA A 41 5.38 4.29 4.18
C ALA A 41 5.92 2.87 3.96
N PHE A 42 6.41 2.54 2.77
CA PHE A 42 6.89 1.19 2.51
C PHE A 42 8.06 0.83 3.39
N GLY A 43 9.00 1.76 3.57
CA GLY A 43 10.15 1.52 4.40
C GLY A 43 11.38 1.02 3.68
N SER A 44 11.47 1.25 2.37
CA SER A 44 12.64 0.86 1.60
C SER A 44 12.66 1.71 0.33
N ALA A 45 13.64 1.46 -0.51
CA ALA A 45 13.81 2.15 -1.78
C ALA A 45 13.99 1.10 -2.87
N PRO A 46 13.81 1.48 -4.13
CA PRO A 46 14.00 0.51 -5.22
C PRO A 46 15.37 -0.14 -5.13
N GLY A 47 15.38 -1.47 -5.16
CA GLY A 47 16.61 -2.22 -5.14
C GLY A 47 17.11 -2.62 -3.77
N LEU A 48 16.54 -2.07 -2.70
CA LEU A 48 17.00 -2.35 -1.34
C LEU A 48 16.21 -3.45 -0.65
N GLY A 49 15.24 -4.06 -1.32
CA GLY A 49 14.50 -5.16 -0.72
C GLY A 49 13.29 -4.73 0.09
N ALA A 50 12.89 -5.62 1.00
CA ALA A 50 11.64 -5.45 1.72
C ALA A 50 11.74 -4.37 2.79
N GLY A 51 10.68 -3.57 2.93
CA GLY A 51 10.55 -2.64 4.03
C GLY A 51 9.51 -3.12 5.03
N ASP A 52 9.33 -2.32 6.09
CA ASP A 52 8.51 -2.82 7.19
C ASP A 52 7.01 -2.84 6.87
N ALA A 53 6.57 -2.25 5.77
CA ALA A 53 5.17 -2.42 5.40
C ALA A 53 4.87 -3.83 4.91
N CYS A 54 5.90 -4.59 4.53
CA CYS A 54 5.72 -5.86 3.83
C CYS A 54 4.97 -6.87 4.68
N GLY A 55 3.87 -7.37 4.12
CA GLY A 55 3.06 -8.38 4.76
C GLY A 55 1.94 -7.85 5.63
N ARG A 56 1.98 -6.57 6.00
CA ARG A 56 0.93 -6.01 6.83
C ARG A 56 -0.39 -5.90 6.07
N CYS A 57 -1.50 -6.02 6.80
CA CYS A 57 -2.83 -6.03 6.22
C CYS A 57 -3.58 -4.77 6.62
N PHE A 58 -4.30 -4.18 5.65
CA PHE A 58 -4.99 -2.91 5.84
C PHE A 58 -6.39 -2.97 5.25
N ALA A 59 -7.37 -2.48 6.00
CA ALA A 59 -8.71 -2.25 5.47
C ALA A 59 -8.73 -0.88 4.80
N LEU A 60 -9.23 -0.83 3.56
CA LEU A 60 -9.23 0.38 2.75
C LEU A 60 -10.67 0.78 2.44
N THR A 61 -10.95 2.09 2.54
CA THR A 61 -12.29 2.61 2.27
C THR A 61 -12.19 3.88 1.42
N GLY A 62 -12.82 3.87 0.25
CA GLY A 62 -12.88 5.04 -0.61
C GLY A 62 -14.16 5.82 -0.39
N ASN A 63 -14.05 7.16 -0.40
CA ASN A 63 -15.22 7.99 -0.15
C ASN A 63 -15.27 9.27 -0.99
N HIS A 64 -14.38 9.43 -1.97
CA HIS A 64 -14.36 10.62 -2.80
C HIS A 64 -13.58 10.33 -4.07
N ASP A 65 -14.04 10.86 -5.20
CA ASP A 65 -13.30 10.79 -6.46
C ASP A 65 -12.81 12.20 -6.78
N PRO A 66 -11.52 12.49 -6.59
CA PRO A 66 -11.03 13.85 -6.85
C PRO A 66 -11.13 14.26 -8.32
N TYR A 67 -11.17 13.31 -9.24
CA TYR A 67 -11.32 13.61 -10.66
C TYR A 67 -12.77 13.75 -11.08
N SER A 68 -13.73 13.40 -10.23
CA SER A 68 -15.15 13.63 -10.46
C SER A 68 -15.75 14.17 -9.18
N PRO A 69 -15.45 15.43 -8.84
CA PRO A 69 -15.82 15.94 -7.51
C PRO A 69 -17.32 16.06 -7.28
N ASN A 70 -18.12 16.10 -8.35
CA ASN A 70 -19.58 16.11 -8.22
C ASN A 70 -20.18 14.71 -8.07
N TYR A 71 -19.37 13.66 -8.16
CA TYR A 71 -19.87 12.29 -8.00
C TYR A 71 -20.08 12.03 -6.52
N THR A 72 -21.32 11.70 -6.14
CA THR A 72 -21.68 11.48 -4.75
C THR A 72 -21.68 10.02 -4.35
N GLY A 73 -21.49 9.10 -5.29
CA GLY A 73 -21.58 7.69 -4.99
C GLY A 73 -22.40 6.95 -6.03
N PRO A 74 -22.49 5.62 -5.90
CA PRO A 74 -21.89 4.86 -4.81
C PRO A 74 -20.39 4.64 -4.98
N PHE A 75 -19.72 4.38 -3.87
CA PHE A 75 -18.33 3.96 -3.90
C PHE A 75 -18.29 2.42 -3.86
N GLY A 76 -17.11 1.85 -3.75
CA GLY A 76 -16.95 0.41 -3.72
C GLY A 76 -17.13 -0.15 -2.32
N GLN A 77 -16.65 -1.37 -2.14
CA GLN A 77 -16.65 -2.00 -0.83
C GLN A 77 -15.36 -1.65 -0.09
N THR A 78 -15.42 -1.74 1.24
CA THR A 78 -14.19 -1.77 2.01
C THR A 78 -13.53 -3.13 1.80
N ILE A 79 -12.24 -3.15 1.48
CA ILE A 79 -11.52 -4.39 1.25
C ILE A 79 -10.31 -4.44 2.18
N VAL A 80 -9.81 -5.65 2.42
CA VAL A 80 -8.57 -5.85 3.17
C VAL A 80 -7.49 -6.32 2.20
N VAL A 81 -6.39 -5.57 2.12
CA VAL A 81 -5.27 -5.92 1.27
C VAL A 81 -4.07 -6.28 2.13
N LYS A 82 -3.16 -7.07 1.56
CA LYS A 82 -1.84 -7.28 2.13
C LYS A 82 -0.84 -6.49 1.28
N VAL A 83 0.01 -5.70 1.93
CA VAL A 83 1.01 -4.94 1.18
C VAL A 83 2.12 -5.89 0.78
N THR A 84 2.36 -6.02 -0.53
CA THR A 84 3.46 -6.81 -1.05
C THR A 84 4.43 -5.99 -1.87
N ASP A 85 4.17 -4.70 -2.11
CA ASP A 85 4.85 -4.00 -3.18
C ASP A 85 5.07 -2.55 -2.82
N LEU A 86 5.95 -1.90 -3.58
CA LEU A 86 6.40 -0.54 -3.36
C LEU A 86 5.92 0.33 -4.51
N CYS A 87 5.32 1.48 -4.18
CA CYS A 87 4.99 2.52 -5.15
C CYS A 87 6.05 3.60 -4.97
N PRO A 88 7.10 3.63 -5.79
CA PRO A 88 8.23 4.52 -5.50
C PRO A 88 7.93 5.96 -5.86
N VAL A 89 8.65 6.87 -5.19
CA VAL A 89 8.56 8.28 -5.54
C VAL A 89 8.84 8.47 -7.03
N GLN A 90 9.93 7.87 -7.51
CA GLN A 90 10.32 7.99 -8.92
C GLN A 90 9.20 7.49 -9.83
N GLY A 91 8.78 8.35 -10.77
CA GLY A 91 7.75 8.00 -11.72
C GLY A 91 6.34 7.99 -11.17
N ASN A 92 6.13 8.41 -9.93
CA ASN A 92 4.80 8.40 -9.32
C ASN A 92 4.62 9.64 -8.45
N GLN A 93 4.90 10.82 -9.02
CA GLN A 93 4.89 12.04 -8.23
C GLN A 93 3.49 12.39 -7.73
N GLU A 94 2.49 12.26 -8.60
CA GLU A 94 1.13 12.68 -8.25
C GLU A 94 0.64 11.95 -7.00
N PHE A 95 0.83 10.63 -6.95
CA PHE A 95 0.23 9.82 -5.90
C PHE A 95 1.19 9.32 -4.83
N CYS A 96 2.45 9.04 -5.17
CA CYS A 96 3.38 8.42 -4.24
C CYS A 96 4.59 9.29 -3.93
N GLY A 97 4.50 10.59 -4.20
CA GLY A 97 5.64 11.47 -4.02
C GLY A 97 5.85 12.05 -2.63
N GLN A 98 5.21 11.47 -1.62
CA GLN A 98 5.41 11.94 -0.25
C GLN A 98 6.86 11.76 0.17
N THR A 99 7.43 12.79 0.78
CA THR A 99 8.80 12.77 1.28
C THR A 99 8.82 13.37 2.69
N THR A 100 9.95 13.26 3.38
CA THR A 100 10.00 13.77 4.76
C THR A 100 9.80 15.28 4.82
N SER A 101 10.28 16.02 3.81
CA SER A 101 10.09 17.47 3.78
C SER A 101 8.75 17.89 3.20
N ASN A 102 8.08 17.00 2.46
CA ASN A 102 6.76 17.30 1.89
C ASN A 102 5.94 16.01 1.97
N PRO A 103 5.35 15.72 3.12
CA PRO A 103 4.80 14.39 3.38
C PRO A 103 3.41 14.14 2.81
N THR A 104 2.87 14.99 1.95
CA THR A 104 1.62 14.68 1.28
C THR A 104 1.81 14.68 -0.23
N ASN A 105 0.93 13.96 -0.92
CA ASN A 105 0.99 13.91 -2.37
C ASN A 105 0.20 15.07 -2.96
N GLN A 106 -0.04 15.05 -4.27
CA GLN A 106 -0.68 16.17 -4.94
C GLN A 106 -2.17 16.27 -4.63
N HIS A 107 -2.74 15.24 -4.01
CA HIS A 107 -4.12 15.27 -3.52
C HIS A 107 -4.19 15.50 -2.02
N GLY A 108 -3.08 15.90 -1.40
CA GLY A 108 -3.06 16.17 0.02
C GLY A 108 -3.03 14.95 0.90
N MET A 109 -2.81 13.77 0.33
CA MET A 109 -2.87 12.53 1.11
C MET A 109 -1.49 12.11 1.58
N PRO A 110 -1.34 11.77 2.87
CA PRO A 110 -0.03 11.33 3.38
C PRO A 110 0.32 9.88 3.08
N PHE A 111 -0.61 9.10 2.51
CA PHE A 111 -0.37 7.71 2.15
C PHE A 111 -1.04 7.44 0.82
N HIS A 112 -0.56 6.41 0.11
CA HIS A 112 -1.20 5.97 -1.11
C HIS A 112 -1.13 4.45 -1.20
N PHE A 113 -2.24 3.84 -1.61
CA PHE A 113 -2.28 2.40 -1.91
C PHE A 113 -2.59 2.22 -3.38
N ASP A 114 -1.72 1.50 -4.09
CA ASP A 114 -1.96 1.10 -5.48
C ASP A 114 -2.43 -0.35 -5.40
N ILE A 115 -3.71 -0.58 -5.68
CA ILE A 115 -4.33 -1.88 -5.48
C ILE A 115 -4.13 -2.74 -6.72
N CYS A 116 -3.62 -3.96 -6.54
CA CYS A 116 -3.36 -4.82 -7.68
C CYS A 116 -4.66 -5.31 -8.29
N GLU A 117 -4.77 -5.20 -9.61
CA GLU A 117 -5.95 -5.66 -10.32
C GLU A 117 -5.97 -7.18 -10.48
N ASP A 118 -4.78 -7.81 -10.56
CA ASP A 118 -4.68 -9.18 -11.04
C ASP A 118 -5.52 -10.15 -10.20
N THR A 119 -5.48 -10.01 -8.88
CA THR A 119 -6.10 -10.97 -7.97
C THR A 119 -7.48 -10.53 -7.48
N GLY A 120 -8.02 -9.44 -8.01
CA GLY A 120 -9.43 -9.11 -7.78
C GLY A 120 -9.69 -7.94 -6.86
N GLY A 121 -8.67 -7.36 -6.22
CA GLY A 121 -8.94 -6.32 -5.24
C GLY A 121 -9.57 -5.07 -5.84
N SER A 122 -9.06 -4.64 -7.00
CA SER A 122 -9.55 -3.39 -7.55
C SER A 122 -11.01 -3.48 -7.99
N ALA A 123 -11.44 -4.65 -8.50
CA ALA A 123 -12.83 -4.79 -8.91
C ALA A 123 -13.80 -4.70 -7.74
N LYS A 124 -13.37 -5.00 -6.52
CA LYS A 124 -14.22 -4.82 -5.35
C LYS A 124 -14.26 -3.38 -4.88
N PHE A 125 -13.21 -2.59 -5.17
CA PHE A 125 -12.99 -1.29 -4.55
C PHE A 125 -13.40 -0.11 -5.44
N PHE A 126 -13.12 -0.17 -6.75
CA PHE A 126 -13.33 0.96 -7.64
C PHE A 126 -14.61 0.78 -8.45
N PRO A 127 -15.56 1.70 -8.36
CA PRO A 127 -16.70 1.67 -9.29
C PRO A 127 -16.20 1.91 -10.72
N SER A 128 -16.94 1.35 -11.68
CA SER A 128 -16.58 1.53 -13.08
C SER A 128 -16.51 3.01 -13.41
N GLY A 129 -15.43 3.43 -14.06
CA GLY A 129 -15.25 4.81 -14.44
C GLY A 129 -14.63 5.69 -13.38
N HIS A 130 -14.22 5.13 -12.23
CA HIS A 130 -13.71 5.90 -11.09
C HIS A 130 -12.48 5.19 -10.53
N GLY A 131 -11.36 5.30 -11.26
CA GLY A 131 -10.15 4.57 -10.97
C GLY A 131 -9.17 5.24 -10.03
N ALA A 132 -9.47 6.44 -9.56
CA ALA A 132 -8.66 7.11 -8.55
C ALA A 132 -9.58 7.67 -7.49
N LEU A 133 -9.30 7.35 -6.23
CA LEU A 133 -10.17 7.75 -5.12
C LEU A 133 -9.32 8.24 -3.97
N THR A 134 -9.95 8.93 -3.04
CA THR A 134 -9.38 9.16 -1.73
C THR A 134 -10.30 8.60 -0.65
N GLY A 135 -9.75 8.43 0.53
CA GLY A 135 -10.50 7.86 1.64
C GLY A 135 -9.60 7.54 2.81
N THR A 136 -9.83 6.40 3.47
CA THR A 136 -9.15 6.09 4.72
C THR A 136 -8.59 4.67 4.68
N PHE A 137 -7.68 4.40 5.62
CA PHE A 137 -7.20 3.04 5.81
C PHE A 137 -6.99 2.79 7.29
N THR A 138 -7.00 1.51 7.66
CA THR A 138 -6.72 1.09 9.03
C THR A 138 -6.00 -0.25 8.98
N GLU A 139 -4.87 -0.35 9.66
CA GLU A 139 -4.20 -1.64 9.75
C GLU A 139 -5.04 -2.59 10.60
N VAL A 140 -5.19 -3.83 10.11
CA VAL A 140 -5.99 -4.84 10.79
C VAL A 140 -5.17 -6.13 10.89
N SER A 141 -5.68 -7.06 11.68
CA SER A 141 -5.06 -8.39 11.74
C SER A 141 -5.20 -9.06 10.38
N CYS A 142 -4.18 -9.81 9.99
CA CYS A 142 -4.28 -10.58 8.76
C CYS A 142 -5.28 -11.73 8.86
N SER A 143 -5.84 -11.97 10.05
CA SER A 143 -7.02 -12.83 10.15
C SER A 143 -8.15 -12.32 9.26
N GLN A 144 -8.16 -11.03 8.94
CA GLN A 144 -9.21 -10.42 8.12
C GLN A 144 -8.92 -10.49 6.63
N TRP A 145 -7.79 -11.09 6.24
CA TRP A 145 -7.34 -11.17 4.86
C TRP A 145 -7.40 -12.61 4.37
N SER A 146 -8.01 -12.81 3.22
CA SER A 146 -8.10 -14.13 2.60
C SER A 146 -6.94 -14.33 1.63
N GLY A 147 -6.33 -15.51 1.67
CA GLY A 147 -5.27 -15.80 0.72
C GLY A 147 -4.05 -16.49 1.30
N SER A 148 -3.07 -16.77 0.44
CA SER A 148 -1.83 -17.41 0.85
C SER A 148 -0.66 -16.74 0.14
N ASP A 149 0.49 -16.74 0.79
CA ASP A 149 1.68 -16.11 0.22
C ASP A 149 2.33 -17.01 -0.83
N GLY A 150 2.95 -16.37 -1.82
CA GLY A 150 3.81 -17.08 -2.74
C GLY A 150 5.18 -17.36 -2.14
N GLY A 151 5.99 -18.13 -2.88
CA GLY A 151 7.33 -18.43 -2.45
C GLY A 151 8.29 -17.28 -2.68
N GLN A 152 9.42 -17.31 -1.98
CA GLN A 152 10.38 -16.22 -2.10
C GLN A 152 11.01 -16.19 -3.49
N LEU A 153 11.13 -14.98 -4.02
CA LEU A 153 11.69 -14.80 -5.35
C LEU A 153 13.18 -14.49 -5.31
N TRP A 154 13.70 -14.13 -4.15
CA TRP A 154 15.12 -13.84 -3.98
C TRP A 154 15.45 -13.87 -2.50
N ASN A 155 16.73 -14.01 -2.20
CA ASN A 155 17.17 -14.02 -0.80
C ASN A 155 16.88 -12.68 -0.14
N GLY A 156 16.29 -12.75 1.05
CA GLY A 156 15.85 -11.56 1.76
C GLY A 156 14.39 -11.20 1.59
N ALA A 157 13.66 -11.92 0.75
CA ALA A 157 12.23 -11.67 0.59
C ALA A 157 11.52 -11.86 1.92
N CYS A 158 10.48 -11.05 2.14
CA CYS A 158 9.88 -11.00 3.48
C CYS A 158 8.45 -10.50 3.39
N LEU A 159 7.52 -11.24 4.02
CA LEU A 159 6.18 -10.76 4.33
C LEU A 159 5.86 -10.91 5.82
N SER A 160 6.90 -10.87 6.67
CA SER A 160 6.74 -11.15 8.10
CA SER A 160 6.71 -11.17 8.08
C SER A 160 5.83 -10.16 8.81
N GLY A 161 5.55 -9.00 8.20
CA GLY A 161 4.56 -8.11 8.77
C GLY A 161 3.20 -8.75 8.97
N GLU A 162 2.94 -9.88 8.30
CA GLU A 162 1.63 -10.54 8.36
C GLU A 162 1.31 -11.12 9.73
N THR A 163 2.31 -11.27 10.60
CA THR A 163 2.08 -11.76 11.97
C THR A 163 2.42 -10.73 13.03
N ALA A 164 2.74 -9.49 12.63
CA ALA A 164 3.18 -8.47 13.58
C ALA A 164 2.00 -7.70 14.15
N PRO A 165 2.10 -7.25 15.39
CA PRO A 165 1.13 -6.25 15.88
C PRO A 165 1.21 -5.00 15.03
N ASN A 166 0.12 -4.22 15.05
CA ASN A 166 0.05 -3.00 14.25
C ASN A 166 1.21 -2.06 14.58
N TRP A 167 1.58 -1.24 13.60
CA TRP A 167 2.52 -0.14 13.84
C TRP A 167 2.01 0.68 15.03
N PRO A 168 2.92 1.16 15.91
CA PRO A 168 4.37 1.01 15.84
C PRO A 168 4.85 -0.37 16.28
N SER A 169 5.72 -0.97 15.48
CA SER A 169 6.28 -2.29 15.71
C SER A 169 7.23 -2.57 14.55
N THR A 170 7.99 -3.66 14.67
CA THR A 170 8.98 -4.02 13.66
C THR A 170 8.83 -5.48 13.27
N ALA A 171 8.80 -5.74 11.97
CA ALA A 171 8.78 -7.09 11.43
C ALA A 171 9.90 -7.23 10.41
N CYS A 172 9.63 -6.97 9.12
CA CYS A 172 10.71 -7.05 8.13
C CYS A 172 11.79 -6.01 8.39
N GLY A 173 11.43 -4.85 8.93
CA GLY A 173 12.40 -3.78 9.16
C GLY A 173 12.56 -2.87 7.96
N ASN A 174 12.87 -1.62 8.24
CA ASN A 174 13.09 -0.62 7.21
C ASN A 174 14.53 -0.66 6.71
N LYS A 175 14.72 -0.25 5.46
CA LYS A 175 16.02 -0.26 4.81
C LYS A 175 16.37 1.16 4.39
N GLY A 176 17.57 1.61 4.75
CA GLY A 176 17.98 2.92 4.30
C GLY A 176 17.21 4.05 4.98
N THR A 177 17.27 5.21 4.34
CA THR A 177 16.61 6.42 4.85
C THR A 177 15.52 6.87 3.89
N ALA A 178 14.41 7.32 4.48
CA ALA A 178 13.25 7.78 3.72
C ALA A 178 13.64 8.93 2.79
N PRO A 179 12.96 9.06 1.65
CA PRO A 179 13.29 10.15 0.72
C PRO A 179 12.97 11.50 1.35
N SER A 180 13.87 12.47 1.12
CA SER A 180 13.74 13.79 1.76
C SER A 180 12.90 14.74 0.93
C1 EDO B . -10.89 1.88 6.68
O1 EDO B . -11.68 0.76 6.26
C2 EDO B . -11.36 2.38 8.03
O2 EDO B . -10.52 3.47 8.38
C1 EDO C . -3.17 -6.72 14.00
O1 EDO C . -3.28 -7.90 14.82
C2 EDO C . -1.85 -6.78 13.26
O2 EDO C . -1.85 -5.72 12.30
C1 EDO D . 4.21 -0.63 -8.61
O1 EDO D . 4.33 0.06 -9.86
C2 EDO D . 2.88 -0.25 -7.97
O2 EDO D . 2.81 1.16 -7.73
C1 EDO E . 0.17 5.50 -8.76
O1 EDO E . 1.34 6.33 -8.95
C2 EDO E . -0.65 5.55 -10.03
O2 EDO E . 0.19 5.13 -11.11
#